data_4APR
#
_entry.id   4APR
#
_cell.length_a   60.390
_cell.length_b   60.610
_cell.length_c   106.900
_cell.angle_alpha   90.00
_cell.angle_beta   90.00
_cell.angle_gamma   90.00
#
_symmetry.space_group_name_H-M   'P 21 21 21'
#
loop_
_entity.id
_entity.type
_entity.pdbx_description
1 polymer RHIZOPUSPEPSIN
2 polymer 'PEPSTATIN-LIKE RENIN INHIBITOR'
3 water water
#
loop_
_entity_poly.entity_id
_entity_poly.type
_entity_poly.pdbx_seq_one_letter_code
_entity_poly.pdbx_strand_id
1 'polypeptide(L)'
;AGVGTVPMTDYGNDIEYYGQVTIGTPGKKFNLDFDTGSSDLWIASTLCTNCGSGQTKYDPNQSSTYQADGRTWSISYGDG
SSASGILAKDNVNLGGLLIKGQTIELAKREAASFASGPNDGLLGLGFDTITTVRGVKTPMDNLISQGLISRPIFGVYLGK
AKNGGGGEYIFGGYDSTKFKGSLTTVPIDNSRGWWGITVDRATVGTSTVASSFDGILDTGTTLLILPNNIAASVARAYGA
SDNGDGTYTISCDTSAFKPLVFSINGASFQVSPDSLVFEEFQGQCIAGFGYGNWGFAIIGDTFLKNNYVVFNQGVPEVQI
APVAE
;
E
2 'polypeptide(L)' (IVA)HPFH(STA)LF I
#
# COMPACT_ATOMS: atom_id res chain seq x y z
N ALA A 1 -6.65 -17.48 -12.04
CA ALA A 1 -5.56 -17.39 -11.05
C ALA A 1 -5.89 -18.38 -9.94
N GLY A 2 -4.86 -18.81 -9.23
CA GLY A 2 -4.94 -19.78 -8.14
C GLY A 2 -5.80 -19.19 -7.02
N VAL A 3 -5.96 -19.94 -5.97
CA VAL A 3 -6.76 -19.55 -4.80
C VAL A 3 -6.08 -18.42 -4.02
N GLY A 4 -6.84 -17.35 -3.84
CA GLY A 4 -6.39 -16.19 -3.10
C GLY A 4 -5.48 -15.31 -3.90
N THR A 5 -5.38 -15.50 -5.19
CA THR A 5 -4.54 -14.71 -6.11
C THR A 5 -5.33 -13.55 -6.68
N VAL A 6 -4.71 -12.39 -6.49
CA VAL A 6 -5.35 -11.17 -6.99
C VAL A 6 -4.44 -10.34 -7.89
N PRO A 7 -4.66 -10.37 -9.19
CA PRO A 7 -3.90 -9.59 -10.18
C PRO A 7 -4.22 -8.12 -9.97
N MET A 8 -3.20 -7.31 -9.89
CA MET A 8 -3.27 -5.87 -9.67
C MET A 8 -3.05 -5.14 -11.01
N THR A 9 -3.49 -3.90 -10.95
CA THR A 9 -3.42 -2.92 -12.01
C THR A 9 -2.59 -1.74 -11.45
N ASP A 10 -1.60 -1.39 -12.22
CA ASP A 10 -0.67 -0.30 -11.96
C ASP A 10 -1.33 0.96 -12.53
N TYR A 11 -1.63 1.91 -11.66
CA TYR A 11 -2.27 3.15 -12.12
C TYR A 11 -1.20 4.19 -12.41
N GLY A 12 -1.16 4.77 -13.59
CA GLY A 12 -0.14 5.78 -13.97
C GLY A 12 1.27 5.21 -13.83
N ASN A 13 2.18 6.08 -13.42
CA ASN A 13 3.56 5.70 -13.21
C ASN A 13 3.71 5.21 -11.75
N ASP A 14 3.22 4.01 -11.56
CA ASP A 14 3.36 3.38 -10.25
C ASP A 14 2.88 4.26 -9.10
N ILE A 15 1.70 4.82 -9.34
CA ILE A 15 1.10 5.71 -8.35
C ILE A 15 0.35 4.90 -7.28
N GLU A 16 -0.25 3.84 -7.83
CA GLU A 16 -1.02 2.96 -6.95
C GLU A 16 -1.36 1.68 -7.70
N TYR A 17 -1.72 0.68 -6.93
CA TYR A 17 -2.08 -0.63 -7.45
C TYR A 17 -3.40 -1.02 -6.81
N TYR A 18 -4.27 -1.46 -7.70
CA TYR A 18 -5.61 -1.85 -7.23
C TYR A 18 -6.02 -3.17 -7.85
N GLY A 19 -6.85 -3.89 -7.13
CA GLY A 19 -7.42 -5.17 -7.48
C GLY A 19 -8.92 -5.15 -7.32
N GLN A 20 -9.52 -6.14 -7.94
CA GLN A 20 -10.94 -6.44 -8.01
C GLN A 20 -11.35 -7.37 -6.86
N VAL A 21 -12.40 -6.87 -6.23
CA VAL A 21 -13.02 -7.52 -5.06
C VAL A 21 -14.51 -7.59 -5.36
N THR A 22 -15.11 -8.72 -5.09
CA THR A 22 -16.55 -8.93 -5.31
C THR A 22 -17.27 -8.82 -3.98
N ILE A 23 -18.21 -7.91 -3.85
CA ILE A 23 -18.94 -7.77 -2.58
C ILE A 23 -20.45 -7.97 -2.81
N GLY A 24 -21.05 -8.71 -1.90
CA GLY A 24 -22.50 -8.97 -1.91
C GLY A 24 -22.96 -10.21 -2.63
N THR A 25 -24.26 -10.41 -2.63
CA THR A 25 -24.90 -11.56 -3.29
C THR A 25 -26.04 -11.05 -4.17
N PRO A 26 -26.05 -11.29 -5.45
CA PRO A 26 -25.09 -12.01 -6.26
C PRO A 26 -23.69 -11.44 -6.31
N GLY A 27 -23.49 -10.15 -6.07
CA GLY A 27 -22.14 -9.61 -6.08
C GLY A 27 -21.68 -8.78 -7.24
N LYS A 28 -20.94 -7.73 -6.95
CA LYS A 28 -20.38 -6.77 -7.89
C LYS A 28 -18.87 -6.67 -7.64
N LYS A 29 -18.18 -6.41 -8.72
CA LYS A 29 -16.73 -6.25 -8.73
C LYS A 29 -16.38 -4.81 -8.40
N PHE A 30 -15.47 -4.63 -7.43
CA PHE A 30 -15.03 -3.29 -7.01
C PHE A 30 -13.52 -3.18 -7.19
N ASN A 31 -13.02 -2.02 -7.53
CA ASN A 31 -11.58 -1.81 -7.70
C ASN A 31 -11.10 -1.12 -6.41
N LEU A 32 -10.40 -1.86 -5.56
CA LEU A 32 -9.92 -1.27 -4.31
C LEU A 32 -8.39 -1.13 -4.33
N ASP A 33 -7.90 -0.11 -3.66
CA ASP A 33 -6.46 0.14 -3.48
C ASP A 33 -6.12 -0.71 -2.24
N PHE A 34 -5.19 -1.62 -2.35
CA PHE A 34 -4.74 -2.51 -1.24
C PHE A 34 -3.77 -1.68 -0.41
N ASP A 35 -4.11 -1.34 0.81
CA ASP A 35 -3.24 -0.49 1.64
C ASP A 35 -2.64 -1.04 2.90
N THR A 36 -1.33 -1.27 3.02
CA THR A 36 -0.82 -1.79 4.31
C THR A 36 -0.72 -0.75 5.43
N GLY A 37 -1.05 0.50 5.16
CA GLY A 37 -1.00 1.65 6.03
C GLY A 37 -2.30 2.02 6.69
N SER A 38 -3.35 1.26 6.50
CA SER A 38 -4.69 1.44 7.06
C SER A 38 -5.39 0.08 7.18
N SER A 39 -6.43 0.02 8.02
CA SER A 39 -7.20 -1.17 8.32
C SER A 39 -8.72 -1.05 8.23
N ASP A 40 -9.24 -0.17 7.41
CA ASP A 40 -10.68 0.02 7.16
C ASP A 40 -10.95 -0.31 5.67
N LEU A 41 -11.94 -1.15 5.41
CA LEU A 41 -12.41 -1.54 4.09
C LEU A 41 -13.60 -0.60 3.82
N TRP A 42 -13.42 0.35 2.93
CA TRP A 42 -14.56 1.26 2.64
C TRP A 42 -14.75 1.28 1.13
N ILE A 43 -15.98 1.56 0.74
CA ILE A 43 -16.44 1.61 -0.63
C ILE A 43 -17.51 2.67 -0.83
N ALA A 44 -17.53 3.22 -2.01
CA ALA A 44 -18.41 4.23 -2.59
C ALA A 44 -19.77 3.54 -2.53
N SER A 45 -20.85 4.16 -2.11
CA SER A 45 -22.16 3.48 -2.01
C SER A 45 -23.19 4.41 -2.68
N THR A 46 -24.40 3.91 -2.77
CA THR A 46 -25.49 4.71 -3.38
C THR A 46 -26.11 5.69 -2.40
N LEU A 47 -25.47 5.87 -1.26
CA LEU A 47 -25.90 6.78 -0.19
C LEU A 47 -25.02 8.02 -0.22
N CYS A 48 -24.02 7.95 -1.04
CA CYS A 48 -22.99 8.95 -1.25
C CYS A 48 -23.50 10.13 -2.06
N THR A 49 -23.26 11.31 -1.49
CA THR A 49 -23.69 12.56 -2.13
C THR A 49 -22.60 13.38 -2.79
N ASN A 50 -21.33 12.98 -2.85
CA ASN A 50 -20.25 13.74 -3.50
C ASN A 50 -19.22 12.76 -4.11
N CYS A 51 -19.71 11.59 -4.49
CA CYS A 51 -18.96 10.49 -5.10
C CYS A 51 -18.84 10.67 -6.61
N GLY A 52 -17.80 10.05 -7.16
CA GLY A 52 -17.52 10.13 -8.61
C GLY A 52 -18.60 9.32 -9.34
N SER A 53 -18.97 9.77 -10.52
CA SER A 53 -19.99 9.05 -11.33
C SER A 53 -19.31 7.89 -12.05
N GLY A 54 -17.99 7.99 -12.07
CA GLY A 54 -17.15 6.94 -12.70
C GLY A 54 -17.00 5.78 -11.69
N GLN A 55 -17.12 6.03 -10.40
CA GLN A 55 -16.97 4.97 -9.40
C GLN A 55 -18.11 3.97 -9.46
N THR A 56 -17.80 2.74 -9.07
CA THR A 56 -18.80 1.66 -9.00
C THR A 56 -19.31 1.80 -7.55
N LYS A 57 -20.63 1.81 -7.40
CA LYS A 57 -21.19 2.01 -6.07
C LYS A 57 -21.93 0.84 -5.48
N TYR A 58 -21.56 0.51 -4.25
CA TYR A 58 -22.23 -0.59 -3.55
C TYR A 58 -23.67 -0.17 -3.26
N ASP A 59 -24.56 -1.06 -3.69
CA ASP A 59 -26.00 -0.81 -3.46
C ASP A 59 -26.55 -1.83 -2.48
N PRO A 60 -26.84 -1.45 -1.25
CA PRO A 60 -27.40 -2.37 -0.27
C PRO A 60 -28.62 -3.12 -0.79
N ASN A 61 -29.50 -2.48 -1.54
CA ASN A 61 -30.75 -3.07 -2.06
C ASN A 61 -30.67 -4.28 -2.98
N GLN A 62 -29.52 -4.44 -3.56
CA GLN A 62 -29.21 -5.49 -4.51
C GLN A 62 -28.32 -6.62 -3.98
N SER A 63 -28.10 -6.58 -2.69
CA SER A 63 -27.30 -7.62 -2.00
C SER A 63 -28.31 -8.27 -1.06
N SER A 64 -28.49 -9.54 -1.32
CA SER A 64 -29.45 -10.31 -0.50
C SER A 64 -28.78 -10.66 0.81
N THR A 65 -27.47 -10.44 0.91
CA THR A 65 -26.73 -10.72 2.13
C THR A 65 -26.38 -9.45 2.94
N TYR A 66 -26.92 -8.29 2.67
CA TYR A 66 -26.65 -7.05 3.39
C TYR A 66 -27.38 -7.11 4.74
N GLN A 67 -26.69 -6.65 5.77
CA GLN A 67 -27.14 -6.57 7.14
C GLN A 67 -26.73 -5.14 7.56
N ALA A 68 -27.71 -4.36 7.95
CA ALA A 68 -27.64 -2.97 8.37
C ALA A 68 -26.90 -2.82 9.66
N ASP A 69 -26.23 -1.70 9.91
CA ASP A 69 -25.53 -1.55 11.20
C ASP A 69 -25.77 -0.12 11.70
N GLY A 70 -25.90 0.02 13.00
CA GLY A 70 -26.16 1.27 13.66
C GLY A 70 -25.01 2.23 13.80
N ARG A 71 -23.80 1.81 13.54
CA ARG A 71 -22.60 2.63 13.69
C ARG A 71 -22.19 3.36 12.45
N THR A 72 -21.53 4.47 12.67
CA THR A 72 -21.01 5.38 11.67
C THR A 72 -19.49 5.33 11.80
N TRP A 73 -18.80 5.83 10.82
CA TRP A 73 -17.34 5.86 10.77
C TRP A 73 -16.93 7.10 10.00
N SER A 74 -15.72 7.50 10.20
CA SER A 74 -15.06 8.67 9.58
C SER A 74 -13.57 8.37 9.61
N ILE A 75 -12.87 8.70 8.56
CA ILE A 75 -11.43 8.49 8.39
C ILE A 75 -10.77 9.66 7.69
N SER A 76 -9.51 9.82 8.05
CA SER A 76 -8.65 10.88 7.51
C SER A 76 -7.23 10.31 7.36
N TYR A 77 -6.78 10.32 6.14
CA TYR A 77 -5.48 9.83 5.69
C TYR A 77 -4.44 10.93 5.79
N GLY A 78 -3.21 10.50 5.76
CA GLY A 78 -1.98 11.28 5.81
C GLY A 78 -1.90 12.25 4.64
N ASP A 79 -2.44 11.97 3.47
CA ASP A 79 -2.32 12.94 2.37
C ASP A 79 -3.46 13.96 2.44
N GLY A 80 -4.24 13.91 3.51
CA GLY A 80 -5.36 14.85 3.68
C GLY A 80 -6.69 14.39 3.13
N SER A 81 -6.76 13.21 2.50
CA SER A 81 -8.06 12.76 1.96
C SER A 81 -8.90 12.24 3.13
N SER A 82 -10.17 12.00 2.86
CA SER A 82 -11.08 11.52 3.91
C SER A 82 -12.31 10.88 3.31
N ALA A 83 -13.17 10.36 4.16
CA ALA A 83 -14.42 9.70 3.76
C ALA A 83 -15.23 9.45 5.03
N SER A 84 -16.53 9.27 4.97
CA SER A 84 -17.24 9.02 6.26
C SER A 84 -18.51 8.27 5.87
N GLY A 85 -19.23 7.64 6.76
CA GLY A 85 -20.43 6.93 6.29
C GLY A 85 -20.98 6.08 7.44
N ILE A 86 -21.56 4.99 7.05
CA ILE A 86 -22.11 4.01 7.98
C ILE A 86 -21.50 2.62 7.87
N LEU A 87 -21.57 1.81 8.92
CA LEU A 87 -21.07 0.44 8.85
C LEU A 87 -22.16 -0.47 8.28
N ALA A 88 -21.71 -1.64 7.85
CA ALA A 88 -22.69 -2.65 7.35
C ALA A 88 -21.97 -3.99 7.40
N LYS A 89 -22.61 -5.04 6.95
CA LYS A 89 -22.03 -6.40 6.90
C LYS A 89 -22.49 -7.06 5.61
N ASP A 90 -21.57 -7.77 5.00
CA ASP A 90 -21.84 -8.52 3.73
C ASP A 90 -20.68 -9.48 3.48
N ASN A 91 -20.75 -10.25 2.42
CA ASN A 91 -19.71 -11.24 2.04
C ASN A 91 -18.73 -10.59 1.06
N VAL A 92 -17.46 -10.92 1.23
CA VAL A 92 -16.41 -10.36 0.35
C VAL A 92 -15.63 -11.51 -0.26
N ASN A 93 -15.44 -11.52 -1.56
CA ASN A 93 -14.67 -12.57 -2.24
C ASN A 93 -13.31 -11.98 -2.62
N LEU A 94 -12.31 -12.49 -1.97
CA LEU A 94 -10.92 -12.04 -2.18
C LEU A 94 -10.16 -13.15 -2.86
N GLY A 95 -10.09 -13.11 -4.19
CA GLY A 95 -9.40 -14.12 -4.99
C GLY A 95 -9.99 -15.53 -4.86
N GLY A 96 -11.31 -15.66 -4.77
CA GLY A 96 -11.92 -16.98 -4.65
C GLY A 96 -12.16 -17.36 -3.20
N LEU A 97 -11.70 -16.54 -2.26
CA LEU A 97 -11.87 -16.73 -0.82
C LEU A 97 -13.05 -15.85 -0.39
N LEU A 98 -14.14 -16.55 -0.04
CA LEU A 98 -15.35 -15.91 0.40
C LEU A 98 -15.37 -15.70 1.91
N ILE A 99 -15.14 -14.46 2.28
CA ILE A 99 -15.14 -14.02 3.66
C ILE A 99 -16.60 -13.73 4.00
N LYS A 100 -17.21 -14.54 4.85
CA LYS A 100 -18.59 -14.34 5.25
C LYS A 100 -18.72 -13.32 6.39
N GLY A 101 -19.66 -12.44 6.22
CA GLY A 101 -20.06 -11.38 7.09
C GLY A 101 -19.04 -10.39 7.58
N GLN A 102 -18.28 -9.89 6.62
CA GLN A 102 -17.24 -8.89 6.86
C GLN A 102 -17.88 -7.52 7.09
N THR A 103 -17.30 -6.74 8.00
CA THR A 103 -17.73 -5.37 8.26
C THR A 103 -17.12 -4.55 7.09
N ILE A 104 -17.99 -3.97 6.30
CA ILE A 104 -17.63 -3.14 5.15
C ILE A 104 -18.10 -1.76 5.57
N GLU A 105 -17.41 -0.72 5.13
CA GLU A 105 -17.82 0.65 5.52
C GLU A 105 -18.26 1.40 4.27
N LEU A 106 -19.53 1.76 4.27
CA LEU A 106 -20.10 2.45 3.10
C LEU A 106 -20.05 3.96 3.19
N ALA A 107 -19.34 4.56 2.24
CA ALA A 107 -19.20 6.00 2.13
C ALA A 107 -20.47 6.76 1.77
N LYS A 108 -20.69 7.80 2.55
CA LYS A 108 -21.79 8.78 2.40
C LYS A 108 -21.16 10.06 1.82
N ARG A 109 -19.90 10.32 2.12
CA ARG A 109 -19.11 11.46 1.68
C ARG A 109 -17.66 11.10 1.41
N GLU A 110 -17.03 11.65 0.41
CA GLU A 110 -15.61 11.36 0.14
C GLU A 110 -14.91 12.61 -0.39
N ALA A 111 -13.62 12.67 -0.18
CA ALA A 111 -12.76 13.77 -0.67
C ALA A 111 -12.78 13.61 -2.19
N ALA A 112 -12.66 14.75 -2.85
CA ALA A 112 -12.65 14.91 -4.31
C ALA A 112 -11.60 14.07 -5.02
N SER A 113 -10.46 13.91 -4.37
CA SER A 113 -9.33 13.15 -4.89
C SER A 113 -9.73 11.68 -5.02
N PHE A 114 -10.67 11.33 -4.14
CA PHE A 114 -11.19 9.95 -4.11
C PHE A 114 -12.16 9.88 -5.29
N ALA A 115 -13.00 10.89 -5.35
CA ALA A 115 -14.03 11.04 -6.38
C ALA A 115 -13.48 11.01 -7.78
N SER A 116 -12.29 11.50 -8.01
CA SER A 116 -11.61 11.57 -9.31
C SER A 116 -10.59 10.46 -9.60
N GLY A 117 -10.26 9.61 -8.64
CA GLY A 117 -9.26 8.56 -8.84
C GLY A 117 -9.90 7.34 -9.48
N PRO A 118 -9.03 6.35 -9.67
CA PRO A 118 -9.40 5.08 -10.26
C PRO A 118 -10.06 4.03 -9.37
N ASN A 119 -10.11 4.18 -8.08
CA ASN A 119 -10.60 3.41 -6.98
C ASN A 119 -12.06 3.61 -6.57
N ASP A 120 -12.64 2.51 -6.14
CA ASP A 120 -14.02 2.49 -5.63
C ASP A 120 -13.97 2.55 -4.09
N GLY A 121 -12.80 2.41 -3.51
CA GLY A 121 -12.66 2.44 -2.05
C GLY A 121 -11.32 1.81 -1.74
N LEU A 122 -11.01 1.46 -0.51
CA LEU A 122 -9.74 0.89 -0.08
C LEU A 122 -9.92 -0.38 0.72
N LEU A 123 -8.93 -1.23 0.70
CA LEU A 123 -8.81 -2.49 1.43
C LEU A 123 -7.67 -2.26 2.44
N GLY A 124 -7.94 -2.14 3.72
CA GLY A 124 -6.92 -1.95 4.73
C GLY A 124 -6.28 -3.26 5.16
N LEU A 125 -4.97 -3.29 5.12
CA LEU A 125 -4.14 -4.46 5.44
C LEU A 125 -3.16 -4.20 6.59
N GLY A 126 -3.44 -3.23 7.44
CA GLY A 126 -2.54 -2.96 8.59
C GLY A 126 -3.14 -3.81 9.72
N PHE A 127 -2.68 -3.69 10.95
CA PHE A 127 -3.23 -4.46 12.08
C PHE A 127 -4.55 -3.88 12.55
N ASP A 128 -5.39 -4.63 13.23
CA ASP A 128 -6.72 -4.21 13.70
C ASP A 128 -6.71 -3.23 14.88
N THR A 129 -5.51 -2.91 15.33
CA THR A 129 -5.43 -1.93 16.44
C THR A 129 -5.71 -0.54 15.91
N ILE A 130 -5.66 -0.36 14.60
CA ILE A 130 -5.92 0.95 14.00
C ILE A 130 -7.20 1.04 13.20
N THR A 131 -8.11 0.07 13.37
CA THR A 131 -9.39 0.18 12.66
C THR A 131 -10.01 1.46 13.27
N THR A 132 -10.68 2.31 12.52
CA THR A 132 -11.28 3.52 13.12
C THR A 132 -12.44 3.18 14.05
N VAL A 133 -13.12 2.06 13.90
CA VAL A 133 -14.22 1.69 14.79
C VAL A 133 -13.76 0.48 15.59
N ARG A 134 -13.85 0.55 16.89
CA ARG A 134 -13.44 -0.51 17.81
C ARG A 134 -14.37 -1.72 17.68
N GLY A 135 -13.73 -2.87 17.65
CA GLY A 135 -14.29 -4.19 17.50
C GLY A 135 -14.45 -4.73 16.10
N VAL A 136 -13.94 -4.02 15.12
CA VAL A 136 -14.00 -4.43 13.71
C VAL A 136 -12.78 -5.27 13.38
N LYS A 137 -13.03 -6.43 12.84
CA LYS A 137 -12.11 -7.48 12.40
C LYS A 137 -11.78 -7.25 10.92
N THR A 138 -10.51 -7.12 10.67
CA THR A 138 -10.06 -6.83 9.30
C THR A 138 -10.19 -8.07 8.44
N PRO A 139 -10.20 -7.95 7.13
CA PRO A 139 -10.26 -9.10 6.22
C PRO A 139 -9.28 -10.20 6.58
N MET A 140 -8.04 -9.91 6.87
CA MET A 140 -6.99 -10.84 7.22
C MET A 140 -7.39 -11.52 8.52
N ASP A 141 -8.04 -10.83 9.41
CA ASP A 141 -8.48 -11.45 10.65
C ASP A 141 -9.49 -12.53 10.29
N ASN A 142 -10.46 -12.24 9.46
CA ASN A 142 -11.53 -13.17 9.03
C ASN A 142 -11.03 -14.32 8.18
N LEU A 143 -10.03 -14.21 7.36
CA LEU A 143 -9.44 -15.28 6.54
C LEU A 143 -8.85 -16.39 7.40
N ILE A 144 -8.17 -15.94 8.43
CA ILE A 144 -7.51 -16.77 9.42
C ILE A 144 -8.55 -17.52 10.26
N SER A 145 -9.41 -16.73 10.92
CA SER A 145 -10.43 -17.28 11.81
C SER A 145 -11.45 -18.07 11.04
N GLN A 146 -11.58 -17.93 9.74
CA GLN A 146 -12.58 -18.71 8.99
C GLN A 146 -11.93 -19.88 8.27
N GLY A 147 -10.63 -19.96 8.44
CA GLY A 147 -9.76 -20.98 7.91
C GLY A 147 -9.62 -20.88 6.42
N LEU A 148 -9.75 -19.71 5.84
CA LEU A 148 -9.59 -19.53 4.38
C LEU A 148 -8.12 -19.54 3.99
N ILE A 149 -7.21 -19.29 4.91
CA ILE A 149 -5.77 -19.32 4.66
C ILE A 149 -5.23 -20.18 5.81
N SER A 150 -4.22 -20.97 5.44
CA SER A 150 -3.57 -21.88 6.41
C SER A 150 -2.38 -21.18 7.05
N ARG A 151 -1.73 -20.29 6.36
CA ARG A 151 -0.58 -19.51 6.91
C ARG A 151 -1.07 -18.06 6.95
N PRO A 152 -0.80 -17.36 8.03
CA PRO A 152 -1.25 -15.96 8.20
C PRO A 152 -0.42 -14.94 7.44
N ILE A 153 -0.31 -15.19 6.13
CA ILE A 153 0.48 -14.42 5.17
C ILE A 153 -0.14 -14.02 3.84
N PHE A 154 0.48 -13.03 3.23
CA PHE A 154 0.13 -12.49 1.90
C PHE A 154 1.47 -12.10 1.21
N GLY A 155 1.69 -12.54 0.00
CA GLY A 155 2.84 -12.28 -0.84
C GLY A 155 2.40 -11.11 -1.74
N VAL A 156 3.29 -10.12 -1.81
CA VAL A 156 3.13 -8.90 -2.57
C VAL A 156 4.20 -8.58 -3.62
N TYR A 157 3.77 -8.55 -4.85
CA TYR A 157 4.45 -8.24 -6.08
C TYR A 157 3.74 -6.99 -6.70
N LEU A 158 4.50 -5.92 -6.81
CA LEU A 158 4.11 -4.63 -7.37
C LEU A 158 4.98 -4.47 -8.64
N GLY A 159 4.37 -4.28 -9.80
CA GLY A 159 5.22 -4.15 -10.99
C GLY A 159 5.58 -2.72 -11.28
N LYS A 160 6.37 -2.54 -12.33
CA LYS A 160 6.80 -1.24 -12.81
C LYS A 160 6.15 -0.89 -14.16
N ALA A 161 5.55 0.30 -14.20
CA ALA A 161 4.93 0.78 -15.44
C ALA A 161 5.97 0.66 -16.57
N LYS A 162 7.21 1.01 -16.30
CA LYS A 162 8.24 0.90 -17.38
C LYS A 162 8.33 -0.52 -17.92
N ASN A 163 8.08 -1.56 -17.16
CA ASN A 163 8.14 -2.94 -17.64
C ASN A 163 6.74 -3.50 -17.89
N GLY A 164 5.74 -2.69 -18.16
CA GLY A 164 4.39 -3.26 -18.36
C GLY A 164 3.46 -3.20 -17.18
N GLY A 165 3.87 -2.65 -16.04
CA GLY A 165 3.01 -2.56 -14.87
C GLY A 165 2.63 -3.91 -14.28
N GLY A 166 1.39 -3.97 -13.80
CA GLY A 166 0.89 -5.19 -13.17
C GLY A 166 1.23 -5.23 -11.68
N GLY A 167 1.07 -6.43 -11.16
CA GLY A 167 1.28 -6.78 -9.77
C GLY A 167 0.37 -7.96 -9.40
N GLU A 168 0.68 -8.48 -8.23
CA GLU A 168 -0.09 -9.62 -7.72
C GLU A 168 0.05 -9.79 -6.22
N TYR A 169 -1.10 -10.03 -5.60
CA TYR A 169 -1.23 -10.27 -4.17
C TYR A 169 -1.68 -11.73 -4.03
N ILE A 170 -1.09 -12.47 -3.11
CA ILE A 170 -1.48 -13.88 -2.90
C ILE A 170 -1.81 -14.05 -1.42
N PHE A 171 -3.06 -14.36 -1.14
CA PHE A 171 -3.48 -14.54 0.27
C PHE A 171 -3.20 -15.97 0.70
N GLY A 172 -2.32 -16.08 1.68
CA GLY A 172 -1.92 -17.37 2.26
C GLY A 172 -0.87 -18.13 1.49
N GLY A 173 -0.04 -17.50 0.69
CA GLY A 173 1.01 -18.08 -0.11
C GLY A 173 1.91 -17.02 -0.74
N TYR A 174 2.93 -17.48 -1.47
CA TYR A 174 3.83 -16.53 -2.15
C TYR A 174 4.31 -17.12 -3.48
N ASP A 175 5.04 -16.32 -4.24
CA ASP A 175 5.50 -16.77 -5.57
C ASP A 175 6.95 -16.42 -5.82
N SER A 176 7.74 -17.49 -5.87
CA SER A 176 9.20 -17.37 -6.07
C SER A 176 9.70 -17.06 -7.47
N THR A 177 8.85 -16.95 -8.47
CA THR A 177 9.21 -16.59 -9.85
C THR A 177 9.40 -15.07 -9.91
N LYS A 178 8.84 -14.38 -8.97
CA LYS A 178 8.79 -12.97 -8.72
C LYS A 178 9.96 -12.37 -7.96
N PHE A 179 10.81 -13.19 -7.39
CA PHE A 179 11.97 -12.67 -6.64
C PHE A 179 13.21 -13.52 -6.92
N LYS A 180 14.34 -12.97 -6.52
CA LYS A 180 15.61 -13.70 -6.74
C LYS A 180 16.39 -13.91 -5.45
N GLY A 181 17.04 -15.07 -5.39
CA GLY A 181 17.83 -15.49 -4.22
C GLY A 181 16.85 -15.97 -3.15
N SER A 182 17.29 -15.91 -1.93
CA SER A 182 16.67 -16.22 -0.66
C SER A 182 15.97 -15.03 -0.01
N LEU A 183 14.92 -15.33 0.74
CA LEU A 183 14.14 -14.34 1.48
C LEU A 183 14.91 -14.12 2.79
N THR A 184 14.80 -12.91 3.29
CA THR A 184 15.43 -12.47 4.53
C THR A 184 14.29 -12.22 5.50
N THR A 185 14.31 -12.80 6.69
CA THR A 185 13.26 -12.56 7.68
C THR A 185 13.59 -11.27 8.44
N VAL A 186 12.60 -10.40 8.55
CA VAL A 186 12.81 -9.13 9.28
C VAL A 186 11.66 -9.08 10.27
N PRO A 187 11.99 -8.87 11.54
CA PRO A 187 10.94 -8.77 12.55
C PRO A 187 10.17 -7.48 12.35
N ILE A 188 8.90 -7.48 12.68
CA ILE A 188 7.94 -6.41 12.63
C ILE A 188 7.61 -5.88 14.01
N ASP A 189 7.44 -4.58 14.12
CA ASP A 189 7.02 -3.87 15.32
C ASP A 189 5.63 -3.32 14.94
N ASN A 190 4.62 -3.99 15.46
CA ASN A 190 3.24 -3.56 15.16
C ASN A 190 2.58 -2.83 16.32
N SER A 191 3.42 -2.32 17.20
CA SER A 191 2.90 -1.58 18.36
C SER A 191 2.17 -0.31 17.92
N ARG A 192 2.22 0.15 16.68
CA ARG A 192 1.45 1.37 16.36
C ARG A 192 0.39 1.02 15.34
N GLY A 193 0.24 -0.27 15.12
CA GLY A 193 -0.74 -0.84 14.20
C GLY A 193 -0.32 -0.89 12.75
N TRP A 194 0.94 -0.67 12.51
CA TRP A 194 1.61 -0.68 11.20
C TRP A 194 2.71 -1.74 11.14
N TRP A 195 3.14 -1.94 9.90
CA TRP A 195 4.23 -2.88 9.56
C TRP A 195 5.56 -2.12 9.60
N GLY A 196 6.05 -1.97 10.82
CA GLY A 196 7.28 -1.29 11.18
C GLY A 196 8.48 -2.18 11.25
N ILE A 197 9.54 -1.66 10.66
CA ILE A 197 10.89 -2.22 10.55
C ILE A 197 11.95 -1.16 10.84
N THR A 198 13.14 -1.68 11.00
CA THR A 198 14.36 -0.95 11.24
C THR A 198 15.31 -1.27 10.07
N VAL A 199 15.77 -0.18 9.50
CA VAL A 199 16.71 -0.14 8.38
C VAL A 199 17.99 0.18 9.15
N ASP A 200 19.00 -0.60 8.91
CA ASP A 200 20.28 -0.47 9.60
C ASP A 200 21.04 0.76 9.08
N ARG A 201 20.92 1.04 7.81
CA ARG A 201 21.60 2.18 7.20
C ARG A 201 21.20 2.25 5.73
N ALA A 202 21.58 3.36 5.12
CA ALA A 202 21.36 3.72 3.72
C ALA A 202 22.67 4.32 3.22
N THR A 203 23.01 3.88 2.02
CA THR A 203 24.23 4.30 1.36
C THR A 203 23.95 4.57 -0.11
N VAL A 204 24.69 5.47 -0.68
CA VAL A 204 24.69 5.88 -2.09
C VAL A 204 26.19 5.70 -2.46
N GLY A 205 26.49 4.70 -3.25
CA GLY A 205 27.94 4.49 -3.54
C GLY A 205 28.59 4.13 -2.20
N THR A 206 29.66 4.82 -1.88
CA THR A 206 30.43 4.63 -0.65
C THR A 206 29.99 5.48 0.54
N SER A 207 29.11 6.45 0.39
CA SER A 207 28.64 7.32 1.47
C SER A 207 27.43 6.82 2.24
N THR A 208 27.50 6.99 3.55
CA THR A 208 26.45 6.61 4.49
C THR A 208 25.58 7.85 4.57
N VAL A 209 24.49 7.87 3.84
CA VAL A 209 23.58 9.03 3.84
C VAL A 209 22.70 9.02 5.09
N ALA A 210 22.51 7.82 5.65
CA ALA A 210 21.70 7.61 6.85
C ALA A 210 22.20 6.43 7.69
N SER A 211 21.88 6.49 8.97
CA SER A 211 22.20 5.45 9.95
C SER A 211 20.83 4.80 10.27
N SER A 212 20.74 3.91 11.25
CA SER A 212 19.46 3.25 11.48
C SER A 212 18.33 4.22 11.69
N PHE A 213 17.22 3.80 11.14
CA PHE A 213 15.96 4.55 11.23
C PHE A 213 14.82 3.49 11.12
N ASP A 214 13.67 3.93 11.63
CA ASP A 214 12.48 3.09 11.60
C ASP A 214 11.61 3.57 10.43
N GLY A 215 10.92 2.62 9.82
CA GLY A 215 10.00 2.96 8.71
C GLY A 215 8.80 2.01 8.73
N ILE A 216 7.73 2.43 8.06
CA ILE A 216 6.54 1.57 7.98
C ILE A 216 6.42 1.16 6.53
N LEU A 217 6.06 -0.08 6.28
CA LEU A 217 5.92 -0.60 4.89
C LEU A 217 4.50 -0.25 4.45
N ASP A 218 4.35 0.72 3.58
CA ASP A 218 3.00 1.14 3.13
C ASP A 218 2.75 0.98 1.64
N THR A 219 1.95 -0.02 1.27
CA THR A 219 1.68 -0.23 -0.16
C THR A 219 0.83 0.87 -0.79
N GLY A 220 0.18 1.63 0.03
CA GLY A 220 -0.69 2.73 -0.26
C GLY A 220 -0.04 4.08 -0.29
N THR A 221 1.26 4.25 -0.23
CA THR A 221 1.98 5.52 -0.29
C THR A 221 2.90 5.35 -1.50
N THR A 222 2.85 6.27 -2.44
CA THR A 222 3.60 6.34 -3.68
C THR A 222 5.11 6.43 -3.52
N LEU A 223 5.58 7.38 -2.73
CA LEU A 223 7.00 7.59 -2.52
C LEU A 223 7.55 7.01 -1.23
N LEU A 224 8.84 7.21 -1.19
CA LEU A 224 9.72 6.87 -0.08
C LEU A 224 9.76 8.26 0.61
N ILE A 225 9.11 8.41 1.74
CA ILE A 225 9.07 9.68 2.48
C ILE A 225 9.97 9.43 3.70
N LEU A 226 10.96 10.32 3.79
CA LEU A 226 11.92 10.21 4.88
C LEU A 226 11.97 11.40 5.81
N PRO A 227 12.43 11.19 7.03
CA PRO A 227 12.58 12.30 7.98
C PRO A 227 13.40 13.37 7.27
N ASN A 228 13.24 14.62 7.64
CA ASN A 228 13.89 15.81 7.10
C ASN A 228 15.40 15.66 6.89
N ASN A 229 16.14 15.32 7.91
CA ASN A 229 17.59 15.16 7.84
C ASN A 229 18.03 14.04 6.89
N ILE A 230 17.38 12.88 6.94
CA ILE A 230 17.75 11.75 6.07
C ILE A 230 17.48 12.15 4.62
N ALA A 231 16.31 12.78 4.47
CA ALA A 231 15.85 13.23 3.17
C ALA A 231 16.85 14.15 2.51
N ALA A 232 17.29 15.15 3.26
CA ALA A 232 18.25 16.16 2.80
C ALA A 232 19.59 15.57 2.46
N SER A 233 19.95 14.57 3.23
CA SER A 233 21.23 13.85 3.07
C SER A 233 21.23 13.05 1.79
N VAL A 234 20.10 12.44 1.44
CA VAL A 234 19.95 11.64 0.21
C VAL A 234 20.03 12.58 -1.00
N ALA A 235 19.28 13.64 -0.92
CA ALA A 235 19.19 14.68 -1.95
C ALA A 235 20.57 15.18 -2.29
N ARG A 236 21.39 15.53 -1.32
CA ARG A 236 22.75 16.00 -1.55
C ARG A 236 23.57 15.00 -2.35
N ALA A 237 23.30 13.71 -2.17
CA ALA A 237 24.02 12.65 -2.86
C ALA A 237 23.63 12.66 -4.33
N TYR A 238 22.42 13.08 -4.66
CA TYR A 238 21.97 13.08 -6.06
C TYR A 238 21.90 14.43 -6.72
N GLY A 239 22.12 15.50 -5.98
CA GLY A 239 22.06 16.86 -6.47
C GLY A 239 20.60 17.25 -6.76
N ALA A 240 19.68 16.74 -5.98
CA ALA A 240 18.23 17.00 -6.14
C ALA A 240 17.91 18.32 -5.50
N SER A 241 16.91 19.06 -5.96
CA SER A 241 16.63 20.37 -5.32
C SER A 241 15.22 20.30 -4.73
N ASP A 242 15.08 20.90 -3.59
CA ASP A 242 13.84 20.96 -2.81
C ASP A 242 12.81 21.93 -3.38
N ASN A 243 11.65 21.37 -3.68
CA ASN A 243 10.54 22.15 -4.24
C ASN A 243 9.75 22.90 -3.17
N GLY A 244 10.11 22.70 -1.92
CA GLY A 244 9.44 23.32 -0.77
C GLY A 244 8.12 22.64 -0.47
N ASP A 245 7.73 21.57 -1.13
CA ASP A 245 6.44 20.92 -0.79
C ASP A 245 6.53 19.45 -0.42
N GLY A 246 7.68 18.99 0.06
CA GLY A 246 7.78 17.55 0.43
C GLY A 246 8.40 16.82 -0.76
N THR A 247 8.57 17.53 -1.87
CA THR A 247 9.15 16.97 -3.08
C THR A 247 10.46 17.67 -3.44
N TYR A 248 11.13 16.98 -4.37
CA TYR A 248 12.41 17.34 -4.95
C TYR A 248 12.40 17.16 -6.49
N THR A 249 13.26 18.02 -7.04
CA THR A 249 13.49 18.05 -8.49
C THR A 249 14.85 17.37 -8.63
N ILE A 250 14.87 16.37 -9.48
CA ILE A 250 16.04 15.57 -9.77
C ILE A 250 16.18 15.57 -11.30
N SER A 251 17.38 15.23 -11.69
CA SER A 251 17.70 15.12 -13.12
C SER A 251 16.97 13.89 -13.64
N CYS A 252 16.43 14.07 -14.83
CA CYS A 252 15.64 13.11 -15.60
C CYS A 252 16.52 11.99 -16.13
N ASP A 253 17.81 12.24 -16.21
CA ASP A 253 18.71 11.19 -16.72
C ASP A 253 19.39 10.51 -15.53
N THR A 254 18.85 9.38 -15.15
CA THR A 254 19.26 8.54 -14.02
C THR A 254 20.33 7.52 -14.34
N SER A 255 20.69 7.51 -15.62
CA SER A 255 21.70 6.58 -16.14
C SER A 255 23.05 6.74 -15.43
N ALA A 256 23.28 7.89 -14.85
CA ALA A 256 24.51 8.23 -14.14
C ALA A 256 24.42 7.97 -12.64
N PHE A 257 23.22 7.81 -12.08
CA PHE A 257 23.03 7.59 -10.63
C PHE A 257 23.30 6.17 -10.15
N LYS A 258 23.62 6.14 -8.87
CA LYS A 258 23.87 4.86 -8.16
C LYS A 258 22.62 4.54 -7.35
N PRO A 259 22.32 3.27 -7.17
CA PRO A 259 21.12 2.92 -6.40
C PRO A 259 21.23 3.34 -4.94
N LEU A 260 20.07 3.59 -4.38
CA LEU A 260 19.97 3.92 -2.94
C LEU A 260 19.84 2.51 -2.33
N VAL A 261 20.81 2.10 -1.57
CA VAL A 261 20.87 0.77 -0.95
C VAL A 261 20.56 0.89 0.54
N PHE A 262 19.71 0.03 1.01
CA PHE A 262 19.21 -0.14 2.37
C PHE A 262 19.75 -1.49 2.88
N SER A 263 20.35 -1.42 4.04
CA SER A 263 20.93 -2.55 4.77
C SER A 263 19.88 -2.86 5.84
N ILE A 264 19.12 -3.88 5.57
CA ILE A 264 18.04 -4.34 6.45
C ILE A 264 18.40 -5.77 6.86
N ASN A 265 18.61 -5.80 8.17
CA ASN A 265 18.90 -7.06 8.83
C ASN A 265 19.98 -7.88 8.13
N GLY A 266 21.06 -7.24 7.72
CA GLY A 266 22.16 -8.04 7.12
C GLY A 266 22.28 -8.21 5.64
N ALA A 267 21.23 -7.84 4.92
CA ALA A 267 21.12 -7.95 3.49
C ALA A 267 20.88 -6.59 2.88
N SER A 268 21.14 -6.48 1.61
CA SER A 268 20.98 -5.34 0.75
C SER A 268 19.73 -5.33 -0.12
N PHE A 269 19.01 -4.25 0.06
CA PHE A 269 17.76 -3.92 -0.61
C PHE A 269 17.96 -2.56 -1.27
N GLN A 270 17.53 -2.44 -2.52
CA GLN A 270 17.68 -1.16 -3.19
C GLN A 270 16.48 -0.58 -3.93
N VAL A 271 16.77 0.69 -4.20
CA VAL A 271 15.96 1.62 -4.99
C VAL A 271 16.90 1.82 -6.20
N SER A 272 16.62 1.13 -7.28
CA SER A 272 17.39 1.18 -8.52
C SER A 272 17.31 2.58 -9.11
N PRO A 273 18.33 2.99 -9.85
CA PRO A 273 18.39 4.33 -10.46
C PRO A 273 17.13 4.79 -11.18
N ASP A 274 16.47 4.02 -11.99
CA ASP A 274 15.25 4.33 -12.72
C ASP A 274 14.14 4.82 -11.79
N SER A 275 14.09 4.24 -10.60
CA SER A 275 13.11 4.48 -9.55
C SER A 275 13.26 5.77 -8.77
N LEU A 276 14.40 6.42 -8.95
CA LEU A 276 14.76 7.68 -8.30
C LEU A 276 13.92 8.82 -8.86
N VAL A 277 13.35 8.58 -10.03
CA VAL A 277 12.49 9.53 -10.73
C VAL A 277 11.06 8.98 -10.63
N PHE A 278 10.14 9.73 -10.06
CA PHE A 278 8.75 9.33 -9.90
C PHE A 278 8.02 9.66 -11.23
N GLU A 279 8.06 10.95 -11.53
CA GLU A 279 7.39 11.43 -12.74
C GLU A 279 8.13 12.60 -13.35
N GLU A 280 7.88 12.71 -14.62
CA GLU A 280 8.44 13.73 -15.51
C GLU A 280 7.25 14.48 -16.11
N PHE A 281 7.16 15.76 -15.81
CA PHE A 281 6.04 16.54 -16.35
C PHE A 281 6.59 17.78 -17.05
N GLN A 282 6.46 17.73 -18.36
CA GLN A 282 6.92 18.83 -19.21
C GLN A 282 8.41 19.07 -18.93
N GLY A 283 9.19 18.02 -19.08
CA GLY A 283 10.63 18.04 -18.90
C GLY A 283 11.23 18.19 -17.55
N GLN A 284 10.49 18.34 -16.46
CA GLN A 284 11.07 18.46 -15.10
C GLN A 284 10.76 17.11 -14.40
N CYS A 285 11.77 16.51 -13.77
CA CYS A 285 11.51 15.22 -13.10
C CYS A 285 11.48 15.40 -11.59
N ILE A 286 10.43 14.84 -11.02
CA ILE A 286 10.14 14.83 -9.58
C ILE A 286 10.80 13.55 -9.05
N ALA A 287 11.66 13.61 -8.04
CA ALA A 287 12.35 12.41 -7.48
C ALA A 287 11.39 11.44 -6.81
N GLY A 288 11.81 10.20 -6.66
CA GLY A 288 11.11 9.08 -6.06
C GLY A 288 11.05 9.00 -4.54
N PHE A 289 11.73 9.90 -3.90
CA PHE A 289 11.89 10.17 -2.48
C PHE A 289 11.44 11.62 -2.20
N GLY A 290 10.86 11.73 -1.02
CA GLY A 290 10.32 12.99 -0.50
C GLY A 290 10.62 13.12 0.98
N TYR A 291 10.05 14.14 1.62
CA TYR A 291 10.30 14.38 3.05
C TYR A 291 9.00 14.74 3.77
N GLY A 292 9.01 14.40 5.05
CA GLY A 292 7.87 14.65 5.93
C GLY A 292 8.42 15.02 7.30
N ASN A 293 7.56 15.62 8.10
CA ASN A 293 8.03 15.99 9.47
C ASN A 293 7.72 14.88 10.46
N TRP A 294 8.21 13.69 10.19
CA TRP A 294 8.04 12.48 10.99
C TRP A 294 9.44 11.97 11.39
N GLY A 295 9.44 11.20 12.43
CA GLY A 295 10.65 10.57 12.98
C GLY A 295 10.89 9.21 12.34
N PHE A 296 9.92 8.72 11.60
CA PHE A 296 10.05 7.41 10.93
C PHE A 296 9.78 7.66 9.46
N ALA A 297 10.23 6.79 8.61
CA ALA A 297 10.03 6.87 7.17
C ALA A 297 8.78 6.07 6.79
N ILE A 298 8.31 6.41 5.59
CA ILE A 298 7.16 5.72 5.01
C ILE A 298 7.67 5.00 3.78
N ILE A 299 7.99 3.74 3.95
CA ILE A 299 8.49 2.92 2.83
C ILE A 299 7.38 2.47 1.88
N GLY A 300 7.12 3.36 0.93
CA GLY A 300 6.10 3.32 -0.10
C GLY A 300 6.45 2.60 -1.34
N ASP A 301 5.66 2.67 -2.38
CA ASP A 301 5.86 1.97 -3.68
C ASP A 301 7.23 2.18 -4.32
N THR A 302 7.84 3.35 -4.20
CA THR A 302 9.17 3.51 -4.79
C THR A 302 10.07 2.35 -4.37
N PHE A 303 9.97 1.90 -3.13
CA PHE A 303 10.79 0.80 -2.56
C PHE A 303 10.14 -0.55 -2.87
N LEU A 304 8.85 -0.66 -2.62
CA LEU A 304 8.15 -1.92 -2.84
C LEU A 304 8.15 -2.40 -4.27
N LYS A 305 8.11 -1.56 -5.30
CA LYS A 305 8.15 -2.03 -6.71
C LYS A 305 9.51 -2.62 -7.08
N ASN A 306 10.44 -2.60 -6.15
CA ASN A 306 11.80 -3.11 -6.27
C ASN A 306 12.11 -4.35 -5.44
N ASN A 307 11.37 -4.65 -4.41
CA ASN A 307 11.53 -5.78 -3.48
C ASN A 307 10.21 -6.51 -3.16
N TYR A 308 10.25 -7.83 -3.27
CA TYR A 308 9.09 -8.70 -3.01
C TYR A 308 8.92 -8.88 -1.50
N VAL A 309 7.71 -8.67 -0.99
CA VAL A 309 7.45 -8.79 0.47
C VAL A 309 6.36 -9.85 0.74
N VAL A 310 6.62 -10.63 1.77
CA VAL A 310 5.76 -11.70 2.32
C VAL A 310 5.41 -11.13 3.71
N PHE A 311 4.19 -10.71 3.86
CA PHE A 311 3.63 -10.10 5.06
C PHE A 311 3.09 -11.21 5.95
N ASN A 312 3.65 -11.41 7.12
CA ASN A 312 3.14 -12.47 8.03
C ASN A 312 2.55 -11.73 9.24
N GLN A 313 1.25 -11.82 9.38
CA GLN A 313 0.47 -11.19 10.43
C GLN A 313 0.56 -11.95 11.75
N GLY A 314 0.79 -13.25 11.65
CA GLY A 314 0.90 -14.09 12.83
C GLY A 314 2.08 -13.89 13.75
N VAL A 315 3.29 -13.80 13.25
CA VAL A 315 4.46 -13.63 14.12
C VAL A 315 4.45 -12.33 14.92
N PRO A 316 4.42 -11.15 14.35
CA PRO A 316 4.41 -10.85 12.90
C PRO A 316 5.85 -10.66 12.41
N GLU A 317 6.01 -10.77 11.12
CA GLU A 317 7.35 -10.61 10.51
C GLU A 317 7.08 -10.42 9.02
N VAL A 318 8.12 -10.20 8.26
CA VAL A 318 8.09 -10.03 6.81
C VAL A 318 9.36 -10.76 6.31
N GLN A 319 9.29 -11.17 5.08
CA GLN A 319 10.44 -11.82 4.42
C GLN A 319 10.58 -10.98 3.13
N ILE A 320 11.78 -10.50 2.83
CA ILE A 320 11.96 -9.65 1.66
C ILE A 320 13.00 -10.22 0.72
N ALA A 321 12.91 -9.87 -0.55
CA ALA A 321 13.85 -10.29 -1.58
C ALA A 321 13.71 -9.32 -2.76
N PRO A 322 14.80 -9.17 -3.46
CA PRO A 322 14.84 -8.31 -4.66
C PRO A 322 13.96 -8.85 -5.77
N VAL A 323 13.18 -8.01 -6.46
CA VAL A 323 12.32 -8.46 -7.55
C VAL A 323 13.16 -9.13 -8.65
N ALA A 324 12.57 -10.13 -9.29
CA ALA A 324 13.21 -10.84 -10.41
C ALA A 324 12.87 -9.95 -11.61
N GLU A 325 13.90 -9.43 -12.22
CA GLU A 325 13.60 -8.54 -13.38
C GLU A 325 14.85 -8.50 -14.25
N PRO B 3 1.10 11.55 -6.19
CA PRO B 3 1.50 10.63 -5.11
C PRO B 3 0.44 10.51 -4.03
N PHE B 4 0.29 9.30 -3.50
CA PHE B 4 -0.71 9.05 -2.43
C PHE B 4 0.01 8.93 -1.09
N HIS B 5 -0.68 9.04 0.01
CA HIS B 5 -0.12 8.90 1.38
C HIS B 5 -1.37 8.47 2.18
N LEU B 7 -2.40 6.50 6.83
CA LEU B 7 -2.75 7.19 8.05
C LEU B 7 -1.65 8.17 8.55
#